data_5CYS
#
_entry.id   5CYS
#
_cell.length_a   97.887
_cell.length_b   53.804
_cell.length_c   81.245
_cell.angle_alpha   90.00
_cell.angle_beta   96.07
_cell.angle_gamma   90.00
#
_symmetry.space_group_name_H-M   'C 1 2 1'
#
loop_
_entity.id
_entity.type
_entity.pdbx_description
1 polymer 'G/T mismatch-specific thymine DNA glycosylase'
2 polymer 'DNA (28-MER)'
3 polymer 'DNA (28-MER)'
4 non-polymer 'ACETIC ACID'
5 water water
#
loop_
_entity_poly.entity_id
_entity_poly.type
_entity_poly.pdbx_seq_one_letter_code
_entity_poly.pdbx_strand_id
1 'polypeptide(L)'
;GSHMASFNGVSEAELLTKTLPDILTFNLDIVIIGINPGLMAAYKGHHYPGPGNHFWKCLFMSGLSEVQLNHMDDHTLPGK
YGIGFTNMVERTTPGSKDLSSKEFREGGRILVQKLQKYQPRIAVFNGKCIYEIFSKEVFGVKVKNLEFGLQPHKIPDTET
LCYVMPSSSARCAQFPRAQDKVHYYIKLKDLRDQLKGIERNMDV
;
A
2 'polydeoxyribonucleotide'
;(DC)(DA)(DG)(DC)(DT)(DC)(DT)(DG)(DT)(DA)(DC)(DG)(DT)(DG)(DA)(DG)(DC)(DG)(DA)(DT)
(DG)(DG)(DA)(DC)(DA)(DG)(DC)(DT)
;
C
3 'polydeoxyribonucleotide'
;(DA)(DG)(DC)(DT)(DG)(DT)(DC)(DC)(DA)(DT)(DC)(DG)(DC)(DT)(DC)(DA)(ORP)(DG)(DT)
(DA)(DC)(DA)(DG)(DA)(DG)(DC)(DT)(DG)
;
D
#
loop_
_chem_comp.id
_chem_comp.type
_chem_comp.name
_chem_comp.formula
ACY non-polymer 'ACETIC ACID' 'C2 H4 O2'
DA DNA linking 2'-DEOXYADENOSINE-5'-MONOPHOSPHATE 'C10 H14 N5 O6 P'
DC DNA linking 2'-DEOXYCYTIDINE-5'-MONOPHOSPHATE 'C9 H14 N3 O7 P'
DG DNA linking 2'-DEOXYGUANOSINE-5'-MONOPHOSPHATE 'C10 H14 N5 O7 P'
DT DNA linking THYMIDINE-5'-MONOPHOSPHATE 'C10 H15 N2 O8 P'
ORP saccharide 2-DEOXY-5-PHOSPHONO-RIBOSE 'C5 H11 O7 P'
#
# COMPACT_ATOMS: atom_id res chain seq x y z
N ALA A 5 22.01 -17.42 1.53
CA ALA A 5 21.50 -16.14 2.04
C ALA A 5 20.84 -15.29 0.97
N SER A 6 19.55 -14.97 1.21
CA SER A 6 18.69 -14.16 0.34
C SER A 6 19.29 -12.79 0.00
N PHE A 7 20.02 -12.19 0.98
CA PHE A 7 20.64 -10.87 0.87
C PHE A 7 22.12 -10.93 0.45
N ASN A 8 22.45 -11.90 -0.42
CA ASN A 8 23.69 -12.18 -1.15
C ASN A 8 24.97 -11.42 -0.67
N GLY A 9 25.37 -11.62 0.59
CA GLY A 9 26.55 -10.96 1.15
C GLY A 9 26.32 -9.62 1.83
N VAL A 10 25.31 -8.85 1.35
CA VAL A 10 24.85 -7.55 1.85
C VAL A 10 24.19 -7.71 3.25
N SER A 11 24.79 -7.06 4.27
CA SER A 11 24.42 -7.14 5.70
C SER A 11 23.11 -6.51 6.06
N GLU A 12 22.42 -7.08 7.08
CA GLU A 12 21.15 -6.55 7.61
C GLU A 12 21.37 -5.11 8.06
N ALA A 13 22.55 -4.83 8.65
CA ALA A 13 22.98 -3.50 9.11
C ALA A 13 22.91 -2.49 7.95
N GLU A 14 23.38 -2.90 6.75
CA GLU A 14 23.38 -2.09 5.53
C GLU A 14 21.97 -1.90 4.97
N LEU A 15 21.13 -2.93 5.03
CA LEU A 15 19.77 -2.81 4.53
C LEU A 15 18.91 -1.79 5.32
N LEU A 16 19.07 -1.73 6.67
CA LEU A 16 18.35 -0.82 7.58
C LEU A 16 18.53 0.67 7.25
N THR A 17 19.61 0.99 6.53
CA THR A 17 19.96 2.34 6.10
C THR A 17 19.23 2.72 4.80
N LYS A 18 19.11 1.75 3.85
CA LYS A 18 18.46 1.94 2.56
C LYS A 18 16.96 2.30 2.70
N THR A 19 16.49 3.26 1.88
CA THR A 19 15.07 3.65 1.81
C THR A 19 14.46 3.13 0.51
N LEU A 20 13.13 3.03 0.44
CA LEU A 20 12.47 2.57 -0.78
C LEU A 20 11.78 3.75 -1.49
N PRO A 21 12.19 4.15 -2.72
CA PRO A 21 11.61 5.36 -3.34
C PRO A 21 10.15 5.27 -3.73
N ASP A 22 9.43 6.39 -3.76
CA ASP A 22 8.02 6.30 -4.12
C ASP A 22 7.80 6.32 -5.65
N ILE A 23 6.73 5.65 -6.13
CA ILE A 23 6.37 5.68 -7.54
C ILE A 23 5.10 6.50 -7.58
N LEU A 24 5.22 7.85 -7.68
CA LEU A 24 4.05 8.70 -7.63
C LEU A 24 4.02 9.76 -8.72
N THR A 25 2.97 9.75 -9.52
CA THR A 25 2.71 10.70 -10.58
C THR A 25 1.36 11.32 -10.23
N PHE A 26 0.82 12.23 -11.05
CA PHE A 26 -0.51 12.78 -10.84
C PHE A 26 -1.49 11.94 -11.67
N ASN A 27 -2.79 12.21 -11.56
CA ASN A 27 -3.90 11.54 -12.27
C ASN A 27 -3.95 9.98 -12.13
N LEU A 28 -3.47 9.45 -10.99
CA LEU A 28 -3.51 8.00 -10.72
C LEU A 28 -4.91 7.59 -10.24
N ASP A 29 -5.25 6.30 -10.39
CA ASP A 29 -6.51 5.83 -9.87
C ASP A 29 -6.23 5.28 -8.50
N ILE A 30 -5.09 4.61 -8.33
CA ILE A 30 -4.73 3.91 -7.08
C ILE A 30 -3.31 4.23 -6.61
N VAL A 31 -3.13 4.34 -5.28
CA VAL A 31 -1.84 4.55 -4.59
C VAL A 31 -1.76 3.48 -3.46
N ILE A 32 -0.93 2.44 -3.64
CA ILE A 32 -0.73 1.39 -2.64
C ILE A 32 0.18 1.95 -1.49
N ILE A 33 -0.37 2.03 -0.29
CA ILE A 33 0.30 2.53 0.89
C ILE A 33 0.69 1.34 1.72
N GLY A 34 1.95 1.00 1.70
CA GLY A 34 2.46 -0.06 2.56
C GLY A 34 2.68 0.41 3.98
N ILE A 35 3.05 -0.50 4.88
CA ILE A 35 3.32 -0.19 6.28
C ILE A 35 4.66 0.59 6.28
N ASN A 36 5.75 -0.06 5.90
CA ASN A 36 7.09 0.52 5.75
C ASN A 36 7.89 -0.43 4.90
N PRO A 37 9.08 -0.13 4.33
CA PRO A 37 9.76 -1.16 3.55
C PRO A 37 10.32 -2.25 4.46
N GLY A 38 10.39 -3.45 3.88
CA GLY A 38 10.96 -4.63 4.50
C GLY A 38 12.37 -4.81 3.99
N LEU A 39 13.15 -5.69 4.64
CA LEU A 39 14.56 -5.91 4.32
C LEU A 39 14.82 -6.20 2.81
N MET A 40 14.01 -7.07 2.20
CA MET A 40 14.06 -7.43 0.78
C MET A 40 13.63 -6.26 -0.12
N ALA A 41 12.69 -5.39 0.34
CA ALA A 41 12.28 -4.27 -0.50
C ALA A 41 13.38 -3.20 -0.50
N ALA A 42 14.05 -3.02 0.64
CA ALA A 42 15.16 -2.09 0.75
C ALA A 42 16.31 -2.61 -0.09
N TYR A 43 16.54 -3.93 -0.05
CA TYR A 43 17.57 -4.59 -0.85
C TYR A 43 17.26 -4.52 -2.34
N LYS A 44 16.05 -4.93 -2.74
CA LYS A 44 15.68 -4.99 -4.15
C LYS A 44 15.46 -3.62 -4.80
N GLY A 45 14.97 -2.67 -4.02
CA GLY A 45 14.71 -1.34 -4.52
C GLY A 45 13.38 -1.23 -5.24
N HIS A 46 12.55 -2.24 -5.07
CA HIS A 46 11.22 -2.31 -5.66
C HIS A 46 10.17 -2.65 -4.61
N HIS A 47 8.90 -2.37 -4.93
CA HIS A 47 7.74 -2.57 -4.04
C HIS A 47 7.23 -4.03 -4.07
N TYR A 48 7.14 -4.60 -2.84
CA TYR A 48 6.74 -5.98 -2.50
C TYR A 48 7.49 -7.08 -3.29
N PRO A 49 8.80 -7.27 -3.08
CA PRO A 49 9.51 -8.35 -3.79
C PRO A 49 9.42 -9.70 -3.06
N GLY A 50 9.07 -9.64 -1.78
CA GLY A 50 8.97 -10.77 -0.88
C GLY A 50 8.34 -11.96 -1.58
N PRO A 51 9.08 -13.08 -1.80
CA PRO A 51 8.50 -14.23 -2.51
C PRO A 51 7.20 -14.78 -1.92
N GLY A 52 6.96 -14.45 -0.65
CA GLY A 52 5.80 -14.87 0.11
C GLY A 52 4.69 -13.86 0.17
N ASN A 53 5.04 -12.55 0.00
CA ASN A 53 4.10 -11.46 -0.03
C ASN A 53 3.13 -11.71 -1.18
N HIS A 54 1.85 -11.45 -0.93
CA HIS A 54 0.77 -11.70 -1.86
C HIS A 54 0.41 -10.56 -2.82
N PHE A 55 1.03 -9.37 -2.70
CA PHE A 55 0.69 -8.21 -3.51
C PHE A 55 0.54 -8.49 -4.99
N TRP A 56 1.59 -8.98 -5.62
CA TRP A 56 1.64 -9.22 -7.06
C TRP A 56 0.74 -10.33 -7.54
N LYS A 57 0.62 -11.42 -6.75
CA LYS A 57 -0.25 -12.58 -7.02
C LYS A 57 -1.70 -12.10 -6.96
N CYS A 58 -2.08 -11.38 -5.89
CA CYS A 58 -3.40 -10.76 -5.74
C CYS A 58 -3.71 -9.74 -6.83
N LEU A 59 -2.71 -8.98 -7.29
CA LEU A 59 -2.89 -7.97 -8.34
C LEU A 59 -3.31 -8.60 -9.65
N PHE A 60 -2.71 -9.77 -9.99
CA PHE A 60 -3.00 -10.55 -11.18
C PHE A 60 -4.32 -11.31 -11.08
N MET A 61 -4.55 -11.98 -9.95
CA MET A 61 -5.75 -12.79 -9.75
C MET A 61 -6.99 -11.93 -9.76
N SER A 62 -6.88 -10.68 -9.27
CA SER A 62 -7.98 -9.74 -9.23
C SER A 62 -8.35 -9.21 -10.59
N GLY A 63 -7.46 -9.34 -11.57
CA GLY A 63 -7.66 -8.79 -12.90
C GLY A 63 -7.18 -7.34 -13.01
N LEU A 64 -6.56 -6.80 -11.94
CA LEU A 64 -5.99 -5.45 -11.91
C LEU A 64 -4.73 -5.36 -12.81
N SER A 65 -4.20 -6.53 -13.25
CA SER A 65 -3.07 -6.69 -14.19
C SER A 65 -3.41 -7.77 -15.21
N GLU A 66 -2.97 -7.60 -16.48
CA GLU A 66 -3.23 -8.53 -17.60
C GLU A 66 -2.48 -9.86 -17.41
N VAL A 67 -1.21 -9.78 -16.96
CA VAL A 67 -0.34 -10.92 -16.68
C VAL A 67 0.20 -10.85 -15.27
N GLN A 68 0.97 -11.86 -14.86
CA GLN A 68 1.55 -11.93 -13.53
C GLN A 68 2.85 -11.12 -13.49
N LEU A 69 2.77 -9.92 -12.91
CA LEU A 69 3.94 -9.04 -12.80
C LEU A 69 4.65 -9.31 -11.50
N ASN A 70 5.81 -8.71 -11.34
CA ASN A 70 6.61 -8.87 -10.14
C ASN A 70 7.11 -7.50 -9.77
N HIS A 71 7.89 -7.45 -8.68
CA HIS A 71 8.44 -6.23 -8.15
C HIS A 71 9.21 -5.38 -9.19
N MET A 72 9.91 -6.01 -10.13
CA MET A 72 10.68 -5.32 -11.18
CA MET A 72 10.68 -5.29 -11.15
C MET A 72 9.78 -4.50 -12.13
N ASP A 73 8.54 -4.89 -12.30
CA ASP A 73 7.61 -4.18 -13.19
C ASP A 73 6.94 -2.96 -12.52
N ASP A 74 7.18 -2.71 -11.21
CA ASP A 74 6.48 -1.68 -10.43
C ASP A 74 6.53 -0.27 -10.99
N HIS A 75 7.64 0.08 -11.63
CA HIS A 75 7.84 1.39 -12.24
C HIS A 75 7.01 1.61 -13.52
N THR A 76 6.43 0.53 -14.10
CA THR A 76 5.62 0.56 -15.33
C THR A 76 4.16 0.68 -15.00
N LEU A 77 3.82 0.53 -13.69
CA LEU A 77 2.46 0.53 -13.16
C LEU A 77 1.71 1.86 -13.35
N PRO A 78 2.25 3.07 -13.06
CA PRO A 78 1.45 4.29 -13.30
C PRO A 78 0.96 4.51 -14.74
N GLY A 79 1.85 4.43 -15.71
CA GLY A 79 1.52 4.64 -17.12
C GLY A 79 0.63 3.59 -17.75
N LYS A 80 0.75 2.34 -17.29
CA LYS A 80 0.00 1.22 -17.86
C LYS A 80 -1.24 0.86 -17.07
N TYR A 81 -1.13 0.78 -15.74
CA TYR A 81 -2.23 0.36 -14.86
C TYR A 81 -2.82 1.44 -13.91
N GLY A 82 -2.27 2.67 -13.93
CA GLY A 82 -2.73 3.77 -13.09
C GLY A 82 -2.51 3.53 -11.61
N ILE A 83 -1.43 2.81 -11.27
CA ILE A 83 -1.08 2.47 -9.88
C ILE A 83 0.26 3.09 -9.43
N GLY A 84 0.25 3.74 -8.28
CA GLY A 84 1.45 4.28 -7.66
C GLY A 84 1.73 3.62 -6.33
N PHE A 85 2.84 3.97 -5.71
CA PHE A 85 3.24 3.36 -4.45
C PHE A 85 3.88 4.36 -3.49
N THR A 86 3.66 4.11 -2.20
CA THR A 86 4.23 4.79 -1.06
C THR A 86 4.09 3.93 0.22
N ASN A 87 4.58 4.44 1.35
CA ASN A 87 4.50 3.74 2.62
C ASN A 87 4.13 4.73 3.71
N MET A 88 3.49 4.24 4.79
CA MET A 88 3.13 5.05 5.95
C MET A 88 4.47 5.52 6.63
N VAL A 89 5.52 4.65 6.60
CA VAL A 89 6.84 4.94 7.16
C VAL A 89 7.93 4.61 6.10
N GLU A 90 8.85 5.58 5.90
CA GLU A 90 9.98 5.57 4.97
CA GLU A 90 10.02 5.62 5.00
C GLU A 90 11.08 4.62 5.46
N ARG A 91 11.40 4.66 6.78
CA ARG A 91 12.42 3.84 7.45
C ARG A 91 12.27 2.34 7.22
N THR A 92 13.40 1.68 6.93
CA THR A 92 13.41 0.24 6.77
C THR A 92 13.60 -0.43 8.15
N THR A 93 12.82 -1.49 8.39
CA THR A 93 12.83 -2.39 9.57
C THR A 93 12.47 -3.85 9.12
N PRO A 94 12.94 -4.92 9.83
CA PRO A 94 12.54 -6.29 9.43
C PRO A 94 11.02 -6.58 9.47
N GLY A 95 10.34 -6.04 10.50
CA GLY A 95 8.91 -6.18 10.74
C GLY A 95 8.21 -4.88 11.07
N SER A 96 6.86 -4.91 11.21
CA SER A 96 6.00 -3.74 11.47
C SER A 96 5.92 -3.28 12.94
N LYS A 97 6.25 -4.19 13.88
CA LYS A 97 6.21 -3.96 15.32
C LYS A 97 7.50 -3.29 15.83
N ASP A 98 8.49 -3.09 14.93
CA ASP A 98 9.78 -2.44 15.22
C ASP A 98 9.59 -0.93 15.34
N LEU A 99 8.64 -0.39 14.53
CA LEU A 99 8.26 1.02 14.48
C LEU A 99 7.48 1.51 15.69
N SER A 100 7.86 2.71 16.19
CA SER A 100 7.26 3.39 17.33
C SER A 100 5.99 4.13 16.91
N SER A 101 5.15 4.52 17.89
CA SER A 101 3.90 5.23 17.61
C SER A 101 4.13 6.63 17.10
N LYS A 102 5.23 7.28 17.57
CA LYS A 102 5.65 8.60 17.13
C LYS A 102 6.09 8.53 15.64
N GLU A 103 6.91 7.51 15.29
CA GLU A 103 7.39 7.23 13.91
C GLU A 103 6.23 7.15 12.91
N PHE A 104 5.15 6.43 13.30
CA PHE A 104 3.94 6.22 12.50
C PHE A 104 3.16 7.48 12.27
N ARG A 105 3.05 8.32 13.35
CA ARG A 105 2.30 9.58 13.31
C ARG A 105 3.08 10.63 12.56
N GLU A 106 4.41 10.54 12.59
CA GLU A 106 5.28 11.40 11.78
C GLU A 106 4.97 11.09 10.32
N GLY A 107 4.85 9.79 10.02
CA GLY A 107 4.60 9.26 8.68
C GLY A 107 3.24 9.57 8.10
N GLY A 108 2.24 9.71 8.96
CA GLY A 108 0.86 10.03 8.59
C GLY A 108 0.69 11.47 8.14
N ARG A 109 1.43 12.40 8.78
CA ARG A 109 1.48 13.82 8.44
C ARG A 109 2.14 13.95 7.06
N ILE A 110 3.25 13.22 6.85
CA ILE A 110 3.97 13.16 5.58
C ILE A 110 3.09 12.55 4.48
N LEU A 111 2.37 11.47 4.81
CA LEU A 111 1.50 10.75 3.87
C LEU A 111 0.33 11.61 3.38
N VAL A 112 -0.39 12.26 4.31
CA VAL A 112 -1.53 13.09 3.93
C VAL A 112 -1.04 14.27 3.04
N GLN A 113 0.22 14.74 3.24
CA GLN A 113 0.85 15.76 2.40
C GLN A 113 1.07 15.24 0.96
N LYS A 114 1.63 14.02 0.80
CA LYS A 114 1.86 13.39 -0.49
C LYS A 114 0.52 13.11 -1.16
N LEU A 115 -0.48 12.76 -0.34
CA LEU A 115 -1.80 12.45 -0.86
C LEU A 115 -2.55 13.68 -1.33
N GLN A 116 -2.45 14.81 -0.60
CA GLN A 116 -3.09 16.08 -0.96
C GLN A 116 -2.42 16.64 -2.23
N LYS A 117 -1.13 16.33 -2.41
CA LYS A 117 -0.34 16.76 -3.55
C LYS A 117 -0.81 16.02 -4.80
N TYR A 118 -0.58 14.70 -4.84
CA TYR A 118 -0.83 13.87 -6.01
C TYR A 118 -2.29 13.57 -6.32
N GLN A 119 -3.19 13.67 -5.33
CA GLN A 119 -4.64 13.43 -5.49
C GLN A 119 -5.05 12.19 -6.34
N PRO A 120 -4.72 10.95 -5.88
CA PRO A 120 -5.18 9.76 -6.63
C PRO A 120 -6.65 9.57 -6.38
N ARG A 121 -7.34 8.81 -7.22
CA ARG A 121 -8.76 8.59 -6.99
C ARG A 121 -9.00 7.81 -5.70
N ILE A 122 -8.17 6.78 -5.43
CA ILE A 122 -8.28 5.88 -4.28
C ILE A 122 -6.92 5.75 -3.56
N ALA A 123 -6.89 6.02 -2.25
CA ALA A 123 -5.71 5.86 -1.43
C ALA A 123 -5.85 4.51 -0.76
N VAL A 124 -5.21 3.50 -1.30
CA VAL A 124 -5.28 2.11 -0.83
C VAL A 124 -4.31 1.83 0.34
N PHE A 125 -4.89 1.49 1.49
CA PHE A 125 -4.10 1.20 2.67
C PHE A 125 -3.87 -0.27 2.67
N ASN A 126 -2.63 -0.72 2.30
CA ASN A 126 -2.25 -2.13 2.32
C ASN A 126 -1.90 -2.48 3.77
N GLY A 127 -2.96 -2.67 4.55
CA GLY A 127 -2.88 -2.98 5.98
C GLY A 127 -3.86 -2.20 6.82
N LYS A 128 -4.48 -2.87 7.81
CA LYS A 128 -5.45 -2.28 8.75
C LYS A 128 -4.74 -1.48 9.81
N CYS A 129 -3.70 -2.04 10.47
CA CYS A 129 -2.89 -1.39 11.51
C CYS A 129 -2.53 0.06 11.17
N ILE A 130 -2.19 0.32 9.89
CA ILE A 130 -1.79 1.63 9.40
C ILE A 130 -2.97 2.55 9.21
N TYR A 131 -4.15 2.05 8.79
CA TYR A 131 -5.29 2.95 8.69
C TYR A 131 -5.92 3.25 10.05
N GLU A 132 -5.71 2.40 11.07
CA GLU A 132 -6.21 2.66 12.42
C GLU A 132 -5.53 3.93 12.90
N ILE A 133 -4.19 4.01 12.75
CA ILE A 133 -3.35 5.14 13.16
C ILE A 133 -3.72 6.42 12.40
N PHE A 134 -3.74 6.32 11.06
CA PHE A 134 -4.08 7.35 10.09
C PHE A 134 -5.47 7.88 10.31
N SER A 135 -6.46 7.02 10.62
CA SER A 135 -7.82 7.48 10.85
C SER A 135 -7.85 8.43 12.08
N LYS A 136 -7.30 7.99 13.23
CA LYS A 136 -7.27 8.72 14.50
C LYS A 136 -6.45 9.97 14.36
N GLU A 137 -5.25 9.86 13.79
CA GLU A 137 -4.37 11.00 13.59
C GLU A 137 -4.92 12.05 12.59
N VAL A 138 -5.56 11.63 11.49
CA VAL A 138 -6.00 12.53 10.41
C VAL A 138 -7.49 12.95 10.50
N PHE A 139 -8.41 12.03 10.76
CA PHE A 139 -9.84 12.37 10.79
C PHE A 139 -10.38 12.60 12.23
N GLY A 140 -9.57 12.27 13.25
CA GLY A 140 -9.93 12.39 14.66
C GLY A 140 -10.97 11.37 15.03
N VAL A 141 -11.06 10.31 14.20
CA VAL A 141 -12.00 9.21 14.27
C VAL A 141 -11.31 7.95 14.73
N LYS A 142 -11.83 7.38 15.82
CA LYS A 142 -11.38 6.12 16.40
C LYS A 142 -12.62 5.24 16.52
N VAL A 143 -12.99 4.59 15.39
CA VAL A 143 -14.17 3.71 15.39
C VAL A 143 -13.77 2.41 16.08
N LYS A 144 -14.63 1.99 17.02
CA LYS A 144 -14.43 0.81 17.85
C LYS A 144 -14.26 -0.45 17.02
N ASN A 145 -15.02 -0.58 15.92
CA ASN A 145 -14.97 -1.75 15.04
C ASN A 145 -14.65 -1.35 13.60
N LEU A 146 -13.33 -1.26 13.28
CA LEU A 146 -12.87 -0.86 11.96
C LEU A 146 -13.00 -2.00 10.98
N GLU A 147 -13.43 -1.66 9.75
CA GLU A 147 -13.63 -2.61 8.68
C GLU A 147 -12.71 -2.40 7.48
N PHE A 148 -12.58 -3.42 6.63
CA PHE A 148 -11.83 -3.30 5.39
C PHE A 148 -12.75 -2.63 4.40
N GLY A 149 -12.22 -2.28 3.24
CA GLY A 149 -12.99 -1.66 2.19
C GLY A 149 -13.05 -0.17 2.35
N LEU A 150 -13.87 0.44 1.49
CA LEU A 150 -14.09 1.87 1.42
C LEU A 150 -14.52 2.42 2.76
N GLN A 151 -13.74 3.39 3.22
CA GLN A 151 -13.94 4.10 4.47
C GLN A 151 -14.82 5.35 4.26
N PRO A 152 -15.57 5.82 5.29
CA PRO A 152 -16.52 6.92 5.03
C PRO A 152 -15.92 8.30 4.78
N HIS A 153 -14.65 8.51 5.12
CA HIS A 153 -13.98 9.79 4.93
C HIS A 153 -13.03 9.80 3.74
N LYS A 154 -12.92 11.00 3.12
CA LYS A 154 -12.03 11.33 1.99
C LYS A 154 -10.75 12.01 2.54
N ILE A 155 -9.63 12.02 1.79
CA ILE A 155 -8.41 12.71 2.22
C ILE A 155 -8.74 14.21 2.29
N PRO A 156 -8.53 14.90 3.44
CA PRO A 156 -8.94 16.31 3.55
C PRO A 156 -8.55 17.17 2.37
N ASP A 157 -9.51 17.99 1.89
CA ASP A 157 -9.36 18.93 0.76
C ASP A 157 -9.29 18.24 -0.60
N THR A 158 -9.52 16.92 -0.64
CA THR A 158 -9.45 16.13 -1.89
C THR A 158 -10.73 15.32 -2.12
N GLU A 159 -10.74 14.58 -3.23
CA GLU A 159 -11.84 13.71 -3.62
C GLU A 159 -11.38 12.26 -3.56
N THR A 160 -10.21 12.08 -2.93
CA THR A 160 -9.49 10.81 -2.77
C THR A 160 -10.18 10.00 -1.73
N LEU A 161 -10.52 8.77 -2.10
CA LEU A 161 -11.16 7.84 -1.20
C LEU A 161 -10.14 7.07 -0.41
N CYS A 162 -10.53 6.54 0.73
CA CYS A 162 -9.67 5.68 1.55
C CYS A 162 -10.26 4.27 1.53
N TYR A 163 -9.49 3.30 1.03
CA TYR A 163 -9.89 1.90 0.91
C TYR A 163 -8.83 1.07 1.60
N VAL A 164 -9.28 0.13 2.45
CA VAL A 164 -8.41 -0.69 3.29
C VAL A 164 -8.50 -2.18 2.96
N MET A 165 -7.34 -2.85 2.96
CA MET A 165 -7.14 -4.27 2.68
C MET A 165 -6.24 -4.89 3.72
N PRO A 166 -6.36 -6.20 4.02
CA PRO A 166 -5.39 -6.81 4.95
C PRO A 166 -4.01 -6.75 4.31
N SER A 167 -2.95 -6.54 5.12
CA SER A 167 -1.58 -6.45 4.61
C SER A 167 -1.31 -7.61 3.68
N SER A 168 -0.72 -7.34 2.50
CA SER A 168 -0.39 -8.36 1.51
C SER A 168 0.72 -9.25 2.04
N SER A 169 1.36 -8.87 3.17
CA SER A 169 2.38 -9.67 3.87
C SER A 169 1.77 -11.00 4.27
N ALA A 170 2.47 -12.10 4.06
CA ALA A 170 2.01 -13.41 4.47
C ALA A 170 2.21 -13.65 5.97
N ARG A 171 2.39 -12.58 6.78
N ARG A 171 2.38 -12.58 6.76
CA ARG A 171 2.55 -12.70 8.23
CA ARG A 171 2.55 -12.66 8.21
C ARG A 171 1.22 -12.92 8.95
C ARG A 171 1.23 -12.90 8.93
N CYS A 172 0.10 -12.30 8.45
CA CYS A 172 -1.20 -12.49 9.12
C CYS A 172 -1.82 -13.80 8.76
N ALA A 173 -2.01 -14.61 9.80
CA ALA A 173 -2.60 -15.90 9.81
C ALA A 173 -4.10 -15.87 9.48
N GLN A 174 -4.78 -14.72 9.73
CA GLN A 174 -6.21 -14.49 9.52
C GLN A 174 -6.65 -14.64 8.09
N PHE A 175 -5.78 -14.30 7.15
CA PHE A 175 -6.00 -14.38 5.70
C PHE A 175 -4.73 -15.09 5.28
N PRO A 176 -4.66 -16.44 5.46
CA PRO A 176 -3.37 -17.16 5.24
C PRO A 176 -2.82 -17.26 3.83
N ARG A 177 -3.68 -17.51 2.81
CA ARG A 177 -3.25 -17.59 1.41
C ARG A 177 -3.56 -16.22 0.75
N ALA A 178 -3.16 -16.04 -0.51
CA ALA A 178 -3.38 -14.86 -1.33
C ALA A 178 -4.82 -14.91 -1.80
N GLN A 179 -5.38 -16.11 -1.94
CA GLN A 179 -6.77 -16.29 -2.37
C GLN A 179 -7.69 -15.67 -1.32
N ASP A 180 -7.21 -15.62 -0.07
CA ASP A 180 -7.96 -15.04 1.04
C ASP A 180 -8.00 -13.51 1.05
N LYS A 181 -7.39 -12.85 0.05
CA LYS A 181 -7.31 -11.41 -0.05
C LYS A 181 -7.71 -10.92 -1.42
N VAL A 182 -7.76 -11.80 -2.44
CA VAL A 182 -8.10 -11.39 -3.80
CA VAL A 182 -8.12 -11.39 -3.80
C VAL A 182 -9.45 -10.62 -3.81
N HIS A 183 -10.33 -10.92 -2.87
CA HIS A 183 -11.63 -10.27 -2.76
C HIS A 183 -11.51 -8.73 -2.62
N TYR A 184 -10.61 -8.25 -1.73
CA TYR A 184 -10.43 -6.81 -1.51
C TYR A 184 -9.85 -6.12 -2.74
N TYR A 185 -9.06 -6.87 -3.52
CA TYR A 185 -8.47 -6.40 -4.76
C TYR A 185 -9.56 -6.37 -5.85
N ILE A 186 -10.47 -7.34 -5.85
CA ILE A 186 -11.56 -7.37 -6.84
C ILE A 186 -12.49 -6.19 -6.57
N LYS A 187 -12.83 -5.94 -5.30
CA LYS A 187 -13.70 -4.82 -4.94
C LYS A 187 -13.05 -3.48 -5.29
N LEU A 188 -11.71 -3.38 -5.10
CA LEU A 188 -10.85 -2.23 -5.46
C LEU A 188 -10.89 -1.97 -6.96
N LYS A 189 -10.92 -3.04 -7.75
CA LYS A 189 -11.00 -2.99 -9.20
C LYS A 189 -12.39 -2.42 -9.58
N ASP A 190 -13.44 -2.87 -8.85
CA ASP A 190 -14.84 -2.46 -9.05
C ASP A 190 -15.07 -1.02 -8.65
N LEU A 191 -14.45 -0.57 -7.55
CA LEU A 191 -14.56 0.83 -7.07
C LEU A 191 -13.97 1.76 -8.12
N ARG A 192 -12.73 1.47 -8.61
CA ARG A 192 -12.05 2.24 -9.65
C ARG A 192 -12.95 2.42 -10.87
N ASP A 193 -13.40 1.30 -11.46
CA ASP A 193 -14.25 1.26 -12.65
C ASP A 193 -15.56 2.03 -12.48
N GLN A 194 -16.12 2.07 -11.25
CA GLN A 194 -17.33 2.82 -10.89
C GLN A 194 -17.02 4.32 -11.00
N LEU A 195 -15.87 4.76 -10.45
CA LEU A 195 -15.41 6.15 -10.50
C LEU A 195 -15.02 6.54 -11.93
N LYS A 196 -14.31 5.64 -12.66
CA LYS A 196 -13.92 5.76 -14.06
C LYS A 196 -15.18 5.53 -14.96
N GLY A 197 -16.36 5.68 -14.37
CA GLY A 197 -17.67 5.51 -15.01
C GLY A 197 -18.60 6.66 -14.67
N ILE A 198 -18.66 7.02 -13.37
CA ILE A 198 -19.44 8.14 -12.83
C ILE A 198 -18.87 9.47 -13.32
N GLU A 199 -17.54 9.47 -13.61
CA GLU A 199 -16.79 10.61 -14.14
C GLU A 199 -17.12 10.82 -15.63
N ARG A 200 -17.29 9.70 -16.38
CA ARG A 200 -17.63 9.69 -17.82
C ARG A 200 -19.15 9.93 -18.10
N ASN A 201 -19.82 10.68 -17.20
CA ASN A 201 -21.23 11.07 -17.31
C ASN A 201 -21.36 12.58 -17.12
C1 ORP C 17 7.26 -4.33 6.36
O1 ORP C 17 8.11 -3.88 7.42
C2 ORP C 17 5.81 -4.37 6.80
C3 ORP C 17 5.32 -5.78 6.58
O3 ORP C 17 4.98 -6.33 7.87
C4 ORP C 17 6.52 -6.54 6.07
O4 ORP C 17 7.63 -5.64 5.98
C5 ORP C 17 6.28 -7.30 4.78
O5 ORP C 17 7.53 -7.94 4.44
P ORP C 17 7.71 -9.15 3.40
O1P ORP C 17 6.70 -9.13 2.27
O2P ORP C 17 9.17 -9.34 3.12
C ACY D . 4.83 -3.18 3.21
O ACY D . 3.73 -3.11 3.72
OXT ACY D . 5.61 -4.22 3.54
CH3 ACY D . 5.48 -2.24 2.25
#